data_7HHA
#
_entry.id   7HHA
#
_cell.length_a   41.530
_cell.length_b   41.970
_cell.length_c   158.160
_cell.angle_alpha   90.00
_cell.angle_beta   90.00
_cell.angle_gamma   90.00
#
_symmetry.space_group_name_H-M   'P 21 21 21'
#
loop_
_entity.id
_entity.type
_entity.pdbx_description
1 polymer 'Hepatoma-derived growth factor-related protein 2'
2 non-polymer 'SULFATE ION'
3 non-polymer 1,2-ETHANEDIOL
4 non-polymer '1-(ethanesulfonyl)piperidine-4-carboxylic acid'
5 water water
#
_entity_poly.entity_id   1
_entity_poly.type   'polypeptide(L)'
_entity_poly.pdbx_seq_one_letter_code
;GMPHAFKPGDLVFAKMKGYPHWPARIDDIADGAVKPPPNKYPIFFFGTHETAFLGPKDLFPYDKSKDKYGKPNKRKGFNE
GLWEIQNNPHASYS
;
_entity_poly.pdbx_strand_id   A,B,C
#
loop_
_chem_comp.id
_chem_comp.type
_chem_comp.name
_chem_comp.formula
EDO non-polymer 1,2-ETHANEDIOL 'C2 H6 O2'
SO4 non-polymer 'SULFATE ION' 'O4 S -2'
TE0 non-polymer '1-(ethanesulfonyl)piperidine-4-carboxylic acid' 'C8 H15 N O4 S'
#
# COMPACT_ATOMS: atom_id res chain seq x y z
N MET A 2 -24.09 -10.30 -10.42
CA MET A 2 -23.45 -9.85 -11.69
C MET A 2 -22.36 -8.81 -11.39
N PRO A 3 -21.27 -8.80 -12.18
CA PRO A 3 -20.15 -7.88 -11.98
C PRO A 3 -20.48 -6.41 -12.22
N HIS A 4 -19.85 -5.52 -11.45
CA HIS A 4 -19.86 -4.10 -11.73
C HIS A 4 -18.55 -3.73 -12.43
N ALA A 5 -18.35 -2.45 -12.79
CA ALA A 5 -17.07 -1.96 -13.23
C ALA A 5 -16.10 -2.02 -12.06
N PHE A 6 -14.80 -2.01 -12.34
CA PHE A 6 -13.79 -1.99 -11.30
C PHE A 6 -13.88 -0.71 -10.47
N LYS A 7 -13.58 -0.81 -9.16
CA LYS A 7 -13.55 0.37 -8.32
C LYS A 7 -12.32 0.35 -7.39
N PRO A 8 -11.81 1.49 -6.91
CA PRO A 8 -10.73 1.50 -5.93
C PRO A 8 -11.02 0.49 -4.82
N GLY A 9 -10.00 -0.29 -4.42
CA GLY A 9 -10.08 -1.30 -3.37
C GLY A 9 -10.28 -2.72 -3.92
N ASP A 10 -10.73 -2.85 -5.17
CA ASP A 10 -10.87 -4.19 -5.76
C ASP A 10 -9.52 -4.91 -5.83
N LEU A 11 -9.50 -6.23 -5.55
CA LEU A 11 -8.26 -7.01 -5.57
C LEU A 11 -8.24 -7.86 -6.83
N VAL A 12 -7.05 -8.08 -7.40
CA VAL A 12 -6.94 -8.64 -8.73
C VAL A 12 -5.59 -9.32 -8.82
N PHE A 13 -5.46 -10.17 -9.84
CA PHE A 13 -4.16 -10.44 -10.44
C PHE A 13 -4.05 -9.58 -11.68
N ALA A 14 -2.92 -8.88 -11.84
CA ALA A 14 -2.80 -7.92 -12.92
C ALA A 14 -1.71 -8.45 -13.86
N LYS A 15 -1.99 -8.44 -15.15
CA LYS A 15 -1.08 -9.09 -16.09
C LYS A 15 -0.34 -8.00 -16.87
N MET A 16 1.00 -8.05 -16.79
CA MET A 16 1.79 -7.26 -17.72
C MET A 16 2.77 -8.16 -18.47
N LYS A 17 3.09 -7.71 -19.69
CA LYS A 17 3.99 -8.39 -20.62
C LYS A 17 5.23 -8.86 -19.88
N GLY A 18 5.57 -10.14 -20.04
CA GLY A 18 6.82 -10.67 -19.49
C GLY A 18 6.77 -10.87 -17.98
N TYR A 19 5.58 -10.76 -17.37
CA TYR A 19 5.50 -11.11 -15.96
C TYR A 19 4.36 -12.09 -15.76
N PRO A 20 4.43 -12.92 -14.70
CA PRO A 20 3.33 -13.80 -14.32
C PRO A 20 2.21 -12.89 -13.79
N HIS A 21 0.95 -13.34 -13.90
CA HIS A 21 -0.18 -12.66 -13.29
C HIS A 21 0.12 -12.35 -11.83
N TRP A 22 -0.02 -11.06 -11.44
CA TRP A 22 0.62 -10.57 -10.22
C TRP A 22 -0.43 -10.06 -9.24
N PRO A 23 -0.35 -10.40 -7.92
CA PRO A 23 -1.34 -9.92 -6.95
C PRO A 23 -1.28 -8.38 -6.94
N ALA A 24 -2.45 -7.72 -6.97
CA ALA A 24 -2.49 -6.27 -7.03
C ALA A 24 -3.84 -5.71 -6.55
N ARG A 25 -3.95 -4.38 -6.45
CA ARG A 25 -5.26 -3.82 -6.12
C ARG A 25 -5.48 -2.60 -7.02
N ILE A 26 -6.75 -2.23 -7.28
CA ILE A 26 -7.05 -0.93 -7.85
C ILE A 26 -6.87 0.10 -6.75
N ASP A 27 -6.01 1.09 -7.01
CA ASP A 27 -5.75 2.17 -6.08
C ASP A 27 -6.71 3.33 -6.28
N ASP A 28 -6.85 4.09 -5.19
CA ASP A 28 -7.40 5.44 -5.22
C ASP A 28 -6.36 6.35 -5.85
N ILE A 29 -6.82 7.50 -6.34
CA ILE A 29 -5.94 8.58 -6.71
C ILE A 29 -6.10 9.62 -5.60
N ALA A 30 -4.99 9.99 -4.94
CA ALA A 30 -5.04 10.97 -3.87
C ALA A 30 -5.25 12.35 -4.48
N ASP A 31 -5.93 13.24 -3.74
CA ASP A 31 -5.98 14.64 -4.12
C ASP A 31 -4.58 15.09 -4.55
N GLY A 32 -4.49 15.76 -5.72
CA GLY A 32 -3.26 16.39 -6.17
C GLY A 32 -2.29 15.45 -6.87
N ALA A 33 -2.63 14.15 -6.94
CA ALA A 33 -1.82 13.09 -7.52
C ALA A 33 -2.13 12.97 -9.02
N VAL A 34 -1.15 12.48 -9.78
CA VAL A 34 -1.31 12.21 -11.20
C VAL A 34 -2.40 11.18 -11.48
N LYS A 35 -3.35 11.58 -12.34
CA LYS A 35 -4.45 10.75 -12.79
C LYS A 35 -3.96 9.84 -13.90
N PRO A 36 -4.53 8.61 -14.02
CA PRO A 36 -4.24 7.70 -15.12
C PRO A 36 -4.83 8.19 -16.44
N PRO A 37 -4.36 7.68 -17.61
CA PRO A 37 -5.03 7.96 -18.88
C PRO A 37 -6.47 7.48 -18.81
N PRO A 38 -7.34 7.94 -19.75
CA PRO A 38 -8.74 7.48 -19.79
C PRO A 38 -8.75 5.99 -20.12
N ASN A 39 -9.75 5.30 -19.54
CA ASN A 39 -9.94 3.87 -19.70
C ASN A 39 -8.91 3.06 -18.90
N LYS A 40 -7.99 3.73 -18.18
CA LYS A 40 -6.97 3.03 -17.41
C LYS A 40 -7.19 3.23 -15.90
N TYR A 41 -6.73 2.25 -15.10
CA TYR A 41 -6.85 2.26 -13.64
C TYR A 41 -5.45 2.31 -13.08
N PRO A 42 -5.23 2.93 -11.89
CA PRO A 42 -3.93 2.85 -11.23
C PRO A 42 -3.85 1.49 -10.52
N ILE A 43 -2.81 0.73 -10.81
CA ILE A 43 -2.75 -0.63 -10.25
C ILE A 43 -1.55 -0.64 -9.31
N PHE A 44 -1.80 -0.90 -8.02
CA PHE A 44 -0.69 -1.07 -7.10
C PHE A 44 -0.34 -2.55 -7.00
N PHE A 45 0.89 -2.95 -7.34
CA PHE A 45 1.27 -4.35 -7.34
C PHE A 45 1.83 -4.64 -5.96
N PHE A 46 1.28 -5.68 -5.31
CA PHE A 46 1.78 -6.12 -4.02
C PHE A 46 3.21 -6.64 -4.18
N GLY A 47 4.00 -6.53 -3.09
CA GLY A 47 5.35 -7.06 -3.07
C GLY A 47 6.36 -6.05 -3.62
N THR A 48 6.23 -5.71 -4.90
CA THR A 48 7.10 -4.70 -5.51
C THR A 48 6.70 -3.31 -5.05
N HIS A 49 5.41 -3.14 -4.73
CA HIS A 49 4.88 -1.83 -4.38
C HIS A 49 5.01 -0.83 -5.52
N GLU A 50 5.05 -1.31 -6.77
CA GLU A 50 5.05 -0.42 -7.92
C GLU A 50 3.63 -0.15 -8.42
N THR A 51 3.44 0.98 -9.14
CA THR A 51 2.16 1.30 -9.78
C THR A 51 2.33 1.33 -11.30
N ALA A 52 1.34 0.79 -12.03
CA ALA A 52 1.23 1.02 -13.46
C ALA A 52 -0.24 1.22 -13.78
N PHE A 53 -0.51 1.73 -14.98
CA PHE A 53 -1.85 2.03 -15.46
C PHE A 53 -2.26 0.92 -16.42
N LEU A 54 -3.38 0.25 -16.10
CA LEU A 54 -3.83 -0.87 -16.89
C LEU A 54 -5.33 -0.77 -17.17
N GLY A 55 -5.74 -1.36 -18.30
CA GLY A 55 -7.17 -1.50 -18.60
C GLY A 55 -7.67 -2.87 -18.17
N PRO A 56 -9.01 -3.07 -18.13
CA PRO A 56 -9.66 -4.31 -17.70
C PRO A 56 -9.16 -5.60 -18.36
N LYS A 57 -8.72 -5.49 -19.61
CA LYS A 57 -8.27 -6.72 -20.29
C LYS A 57 -7.17 -7.42 -19.49
N ASP A 58 -6.43 -6.67 -18.66
CA ASP A 58 -5.30 -7.23 -17.96
C ASP A 58 -5.62 -7.44 -16.46
N LEU A 59 -6.89 -7.31 -16.07
CA LEU A 59 -7.26 -7.32 -14.65
C LEU A 59 -8.16 -8.52 -14.36
N PHE A 60 -7.69 -9.41 -13.48
CA PHE A 60 -8.40 -10.68 -13.18
C PHE A 60 -8.82 -10.66 -11.72
N PRO A 61 -10.13 -10.61 -11.45
CA PRO A 61 -10.61 -10.52 -10.07
C PRO A 61 -10.10 -11.66 -9.19
N TYR A 62 -9.65 -11.27 -7.99
CA TYR A 62 -8.79 -12.07 -7.14
C TYR A 62 -9.51 -13.35 -6.70
N ASP A 63 -10.77 -13.26 -6.25
CA ASP A 63 -11.47 -14.41 -5.70
C ASP A 63 -11.56 -15.52 -6.77
N LYS A 64 -12.03 -15.15 -7.96
CA LYS A 64 -12.16 -16.09 -9.07
C LYS A 64 -10.83 -16.70 -9.50
N SER A 65 -9.71 -15.98 -9.36
CA SER A 65 -8.47 -16.34 -10.05
C SER A 65 -7.40 -16.92 -9.14
N LYS A 66 -7.63 -16.87 -7.82
CA LYS A 66 -6.56 -17.16 -6.88
C LYS A 66 -6.12 -18.63 -6.97
N ASP A 67 -7.08 -19.53 -7.23
N ASP A 67 -7.08 -19.53 -7.19
CA ASP A 67 -6.75 -20.94 -7.30
CA ASP A 67 -6.71 -20.93 -7.30
C ASP A 67 -5.87 -21.24 -8.51
C ASP A 67 -5.66 -21.08 -8.40
N LYS A 68 -5.83 -20.33 -9.50
CA LYS A 68 -4.95 -20.49 -10.64
C LYS A 68 -3.62 -19.78 -10.46
N TYR A 69 -3.65 -18.55 -9.93
CA TYR A 69 -2.52 -17.65 -10.05
C TYR A 69 -1.83 -17.45 -8.70
N GLY A 70 -2.46 -17.84 -7.60
CA GLY A 70 -2.00 -17.54 -6.25
C GLY A 70 -1.07 -18.63 -5.73
N LYS A 71 0.04 -18.84 -6.44
CA LYS A 71 1.00 -19.87 -6.12
C LYS A 71 2.38 -19.22 -6.09
N PRO A 72 3.31 -19.70 -5.24
CA PRO A 72 4.66 -19.11 -5.19
C PRO A 72 5.35 -19.02 -6.55
N ASN A 73 6.07 -17.92 -6.76
CA ASN A 73 6.80 -17.68 -7.98
C ASN A 73 8.19 -17.20 -7.58
N LYS A 74 9.16 -17.43 -8.45
CA LYS A 74 10.56 -17.13 -8.16
C LYS A 74 10.82 -15.62 -8.21
N ARG A 75 10.03 -14.91 -9.04
CA ARG A 75 10.26 -13.49 -9.33
C ARG A 75 10.26 -12.64 -8.06
N LYS A 76 11.07 -11.57 -8.10
CA LYS A 76 11.32 -10.66 -6.99
C LYS A 76 10.02 -10.00 -6.53
N GLY A 77 9.72 -10.20 -5.24
CA GLY A 77 8.61 -9.51 -4.60
C GLY A 77 7.28 -10.26 -4.76
N PHE A 78 7.25 -11.33 -5.55
CA PHE A 78 6.00 -12.06 -5.78
C PHE A 78 5.42 -12.69 -4.49
N ASN A 79 6.28 -13.36 -3.72
CA ASN A 79 5.76 -14.11 -2.58
C ASN A 79 5.37 -13.16 -1.44
N GLU A 80 6.12 -12.05 -1.32
CA GLU A 80 5.73 -10.93 -0.46
C GLU A 80 4.34 -10.48 -0.88
N GLY A 81 4.16 -10.30 -2.19
CA GLY A 81 2.88 -9.90 -2.79
C GLY A 81 1.72 -10.80 -2.41
N LEU A 82 1.94 -12.12 -2.48
CA LEU A 82 0.93 -13.08 -2.07
C LEU A 82 0.52 -12.89 -0.62
N TRP A 83 1.51 -12.68 0.27
CA TRP A 83 1.20 -12.48 1.68
C TRP A 83 0.31 -11.26 1.85
N GLU A 84 0.66 -10.15 1.17
CA GLU A 84 -0.02 -8.88 1.37
C GLU A 84 -1.47 -8.96 0.89
N ILE A 85 -1.71 -9.52 -0.31
CA ILE A 85 -3.06 -9.61 -0.83
C ILE A 85 -3.99 -10.46 0.07
N GLN A 86 -3.41 -11.49 0.71
CA GLN A 86 -4.21 -12.39 1.53
C GLN A 86 -4.38 -11.78 2.92
N ASN A 87 -3.35 -11.10 3.45
CA ASN A 87 -3.27 -10.75 4.87
C ASN A 87 -3.54 -9.29 5.18
N ASN A 88 -3.21 -8.34 4.29
CA ASN A 88 -3.48 -6.92 4.59
C ASN A 88 -3.58 -6.14 3.27
N PRO A 89 -4.56 -6.48 2.40
CA PRO A 89 -4.62 -5.94 1.05
C PRO A 89 -4.97 -4.45 0.99
N HIS A 90 -5.54 -3.88 2.08
CA HIS A 90 -6.00 -2.50 2.12
C HIS A 90 -5.10 -1.58 2.96
N ALA A 91 -3.94 -2.10 3.39
CA ALA A 91 -2.99 -1.33 4.20
C ALA A 91 -2.30 -0.26 3.38
N SER A 92 -1.69 0.70 4.08
CA SER A 92 -0.75 1.63 3.47
C SER A 92 0.62 0.95 3.32
N TYR A 93 1.17 0.96 2.10
CA TYR A 93 2.47 0.38 1.81
C TYR A 93 3.47 1.43 1.33
N SER A 94 3.14 2.72 1.51
CA SER A 94 3.94 3.83 1.03
C SER A 94 5.39 3.72 1.54
N MET B 2 -5.98 42.41 13.25
CA MET B 2 -5.07 43.37 12.57
C MET B 2 -4.98 43.02 11.08
N PRO B 3 -5.09 44.00 10.16
CA PRO B 3 -4.92 43.72 8.73
C PRO B 3 -3.53 43.15 8.46
N HIS B 4 -3.46 42.19 7.51
CA HIS B 4 -2.22 41.53 7.15
C HIS B 4 -1.99 41.70 5.65
N ALA B 5 -0.75 41.42 5.21
CA ALA B 5 -0.41 41.51 3.80
C ALA B 5 -1.50 40.81 3.00
N PHE B 6 -1.79 39.56 3.41
CA PHE B 6 -2.86 38.75 2.87
C PHE B 6 -4.08 38.79 3.80
N LYS B 7 -5.25 38.97 3.21
CA LYS B 7 -6.48 39.06 3.97
C LYS B 7 -7.45 37.96 3.54
N PRO B 8 -8.31 37.45 4.46
CA PRO B 8 -9.25 36.39 4.12
C PRO B 8 -10.01 36.73 2.86
N GLY B 9 -10.14 35.74 1.96
CA GLY B 9 -10.79 35.98 0.69
C GLY B 9 -9.80 36.28 -0.43
N ASP B 10 -8.51 36.47 -0.10
CA ASP B 10 -7.50 36.77 -1.11
C ASP B 10 -7.27 35.54 -1.99
N LEU B 11 -7.17 35.73 -3.32
CA LEU B 11 -7.00 34.56 -4.16
C LEU B 11 -5.52 34.40 -4.49
N VAL B 12 -5.03 33.15 -4.51
CA VAL B 12 -3.60 32.94 -4.78
C VAL B 12 -3.38 31.65 -5.57
N PHE B 13 -2.13 31.43 -6.04
CA PHE B 13 -1.68 30.06 -6.17
C PHE B 13 -0.78 29.75 -4.98
N ALA B 14 -0.99 28.56 -4.36
CA ALA B 14 -0.24 28.14 -3.18
C ALA B 14 0.67 26.96 -3.52
N LYS B 15 1.94 27.03 -3.10
CA LYS B 15 2.93 26.04 -3.54
C LYS B 15 3.26 25.10 -2.38
N MET B 16 3.08 23.79 -2.60
CA MET B 16 3.56 22.79 -1.67
C MET B 16 4.47 21.80 -2.38
N LYS B 17 5.44 21.29 -1.62
CA LYS B 17 6.38 20.29 -2.12
C LYS B 17 5.60 19.08 -2.70
N GLY B 18 5.95 18.70 -3.93
CA GLY B 18 5.36 17.55 -4.61
C GLY B 18 4.18 17.90 -5.52
N TYR B 19 3.85 19.20 -5.65
CA TYR B 19 2.64 19.60 -6.36
C TYR B 19 2.93 20.89 -7.14
N PRO B 20 2.29 21.12 -8.29
CA PRO B 20 2.41 22.43 -8.95
C PRO B 20 1.70 23.50 -8.11
N HIS B 21 2.07 24.78 -8.34
CA HIS B 21 1.42 25.91 -7.71
C HIS B 21 -0.08 25.72 -7.89
N TRP B 22 -0.84 25.91 -6.80
CA TRP B 22 -2.22 25.38 -6.82
C TRP B 22 -3.26 26.46 -6.55
N PRO B 23 -4.36 26.57 -7.35
CA PRO B 23 -5.33 27.67 -7.18
C PRO B 23 -5.89 27.53 -5.77
N ALA B 24 -5.94 28.64 -5.02
CA ALA B 24 -6.29 28.55 -3.62
C ALA B 24 -6.79 29.91 -3.11
N ARG B 25 -7.21 29.94 -1.83
CA ARG B 25 -7.64 31.19 -1.22
C ARG B 25 -7.14 31.24 0.21
N ILE B 26 -6.99 32.47 0.73
CA ILE B 26 -6.78 32.67 2.16
C ILE B 26 -8.15 32.55 2.82
N ASP B 27 -8.24 31.69 3.83
CA ASP B 27 -9.43 31.49 4.64
C ASP B 27 -9.36 32.29 5.95
N ASP B 28 -10.54 32.56 6.53
N ASP B 28 -10.53 32.57 6.56
CA ASP B 28 -10.74 33.09 7.87
CA ASP B 28 -10.59 33.19 7.87
C ASP B 28 -10.32 32.05 8.91
C ASP B 28 -10.46 32.12 8.94
N ILE B 29 -9.97 32.52 10.13
CA ILE B 29 -9.56 31.64 11.21
C ILE B 29 -10.78 31.20 12.05
N VAL B 34 -7.82 25.12 15.32
CA VAL B 34 -6.42 25.50 15.71
C VAL B 34 -6.00 26.73 14.90
N LYS B 35 -5.44 27.74 15.59
CA LYS B 35 -4.98 28.97 14.96
C LYS B 35 -3.65 28.72 14.23
N PRO B 36 -3.46 29.30 13.01
CA PRO B 36 -2.25 29.05 12.20
C PRO B 36 -0.96 29.36 12.94
N PRO B 37 0.16 28.62 12.69
CA PRO B 37 1.42 28.94 13.34
C PRO B 37 1.79 30.38 13.02
N PRO B 38 2.72 31.01 13.79
CA PRO B 38 3.21 32.35 13.44
C PRO B 38 3.72 32.43 12.00
N ASN B 39 3.42 33.56 11.35
CA ASN B 39 3.86 33.90 9.99
C ASN B 39 2.96 33.29 8.91
N LYS B 40 2.14 32.29 9.24
CA LYS B 40 1.49 31.46 8.25
C LYS B 40 0.00 31.76 8.20
N TYR B 41 -0.64 31.35 7.10
CA TYR B 41 -2.07 31.57 6.95
C TYR B 41 -2.78 30.24 6.74
N PRO B 42 -4.10 30.19 7.04
CA PRO B 42 -4.96 29.11 6.58
C PRO B 42 -5.24 29.21 5.09
N ILE B 43 -4.84 28.15 4.38
CA ILE B 43 -5.09 28.03 2.95
C ILE B 43 -6.19 27.00 2.70
N PHE B 44 -7.05 27.32 1.73
CA PHE B 44 -8.04 26.41 1.17
C PHE B 44 -7.71 26.19 -0.31
N PHE B 45 -7.48 24.92 -0.67
CA PHE B 45 -7.14 24.57 -2.04
C PHE B 45 -8.42 24.25 -2.81
N PHE B 46 -8.65 24.96 -3.92
CA PHE B 46 -9.80 24.70 -4.77
C PHE B 46 -9.69 23.32 -5.45
N GLY B 47 -10.85 22.77 -5.82
CA GLY B 47 -10.89 21.50 -6.54
C GLY B 47 -10.80 20.32 -5.57
N THR B 48 -9.70 20.23 -4.82
CA THR B 48 -9.50 19.16 -3.86
C THR B 48 -10.24 19.50 -2.58
N HIS B 49 -10.36 20.80 -2.30
CA HIS B 49 -10.94 21.30 -1.05
C HIS B 49 -10.11 20.89 0.15
N GLU B 50 -8.80 20.70 -0.02
CA GLU B 50 -7.89 20.41 1.08
C GLU B 50 -7.53 21.71 1.78
N THR B 51 -6.91 21.65 2.97
CA THR B 51 -6.43 22.85 3.65
C THR B 51 -5.00 22.61 4.15
N ALA B 52 -4.24 23.69 4.34
CA ALA B 52 -2.97 23.61 5.05
C ALA B 52 -2.61 25.00 5.59
N PHE B 53 -1.48 25.08 6.30
CA PHE B 53 -0.94 26.35 6.73
C PHE B 53 0.30 26.66 5.89
N LEU B 54 0.32 27.82 5.22
CA LEU B 54 1.48 28.23 4.44
C LEU B 54 1.88 29.67 4.77
N GLY B 55 3.17 29.95 4.62
CA GLY B 55 3.72 31.28 4.79
C GLY B 55 3.81 31.97 3.43
N PRO B 56 4.01 33.31 3.42
CA PRO B 56 4.09 34.05 2.16
C PRO B 56 5.01 33.62 1.03
N LYS B 57 6.12 32.93 1.32
CA LYS B 57 7.09 32.55 0.30
C LYS B 57 6.42 31.61 -0.70
N ASP B 58 5.34 30.95 -0.25
CA ASP B 58 4.65 29.92 -1.00
C ASP B 58 3.30 30.39 -1.55
N LEU B 59 3.04 31.71 -1.44
CA LEU B 59 1.73 32.27 -1.81
C LEU B 59 1.93 33.33 -2.88
N PHE B 60 1.31 33.11 -4.03
CA PHE B 60 1.49 33.90 -5.21
C PHE B 60 0.16 34.55 -5.55
N PRO B 61 -0.01 35.88 -5.39
CA PRO B 61 -1.26 36.54 -5.76
C PRO B 61 -1.77 36.12 -7.14
N TYR B 62 -3.10 35.87 -7.24
CA TYR B 62 -3.66 35.16 -8.37
C TYR B 62 -3.60 35.99 -9.65
N ASP B 63 -4.00 37.26 -9.53
CA ASP B 63 -4.06 38.15 -10.69
C ASP B 63 -2.68 38.25 -11.34
N LYS B 64 -1.66 38.51 -10.52
CA LYS B 64 -0.29 38.59 -11.01
C LYS B 64 0.18 37.30 -11.69
N SER B 65 -0.22 36.12 -11.18
CA SER B 65 0.52 34.90 -11.50
C SER B 65 -0.27 33.90 -12.36
N LYS B 66 -1.51 34.25 -12.74
CA LYS B 66 -2.39 33.27 -13.36
C LYS B 66 -1.92 32.86 -14.76
N ASP B 67 -1.31 33.75 -15.53
CA ASP B 67 -0.97 33.24 -16.85
C ASP B 67 0.24 32.32 -16.76
N LYS B 68 0.98 32.41 -15.65
CA LYS B 68 2.11 31.51 -15.43
C LYS B 68 1.63 30.18 -14.86
N TYR B 69 0.77 30.21 -13.83
CA TYR B 69 0.46 29.01 -13.05
C TYR B 69 -0.91 28.43 -13.41
N GLY B 70 -1.69 29.14 -14.23
CA GLY B 70 -3.09 28.78 -14.39
C GLY B 70 -3.37 27.87 -15.59
N LYS B 71 -2.45 26.95 -15.90
CA LYS B 71 -2.63 26.05 -17.02
C LYS B 71 -3.11 24.70 -16.49
N PRO B 72 -4.05 23.99 -17.19
CA PRO B 72 -4.50 22.68 -16.75
C PRO B 72 -3.36 21.68 -16.73
N ASN B 73 -3.48 20.65 -15.87
CA ASN B 73 -2.54 19.55 -15.85
C ASN B 73 -3.29 18.27 -15.48
N LYS B 74 -2.56 17.20 -15.18
CA LYS B 74 -3.12 15.87 -14.95
C LYS B 74 -3.25 15.55 -13.44
N ARG B 75 -3.04 16.53 -12.55
CA ARG B 75 -3.21 16.29 -11.12
C ARG B 75 -4.71 16.32 -10.76
N LYS B 76 -5.15 15.36 -9.92
CA LYS B 76 -6.54 15.22 -9.50
C LYS B 76 -6.98 16.49 -8.76
N GLY B 77 -8.07 17.09 -9.24
CA GLY B 77 -8.69 18.22 -8.56
C GLY B 77 -8.22 19.55 -9.13
N PHE B 78 -7.18 19.54 -9.99
CA PHE B 78 -6.58 20.80 -10.42
C PHE B 78 -7.47 21.56 -11.39
N ASN B 79 -8.00 20.89 -12.40
CA ASN B 79 -8.80 21.59 -13.38
C ASN B 79 -10.11 22.06 -12.74
N GLU B 80 -10.64 21.28 -11.82
CA GLU B 80 -11.82 21.68 -11.07
C GLU B 80 -11.50 22.94 -10.25
N GLY B 81 -10.25 23.04 -9.77
CA GLY B 81 -9.85 24.12 -8.89
C GLY B 81 -9.70 25.40 -9.71
N LEU B 82 -9.21 25.23 -10.95
CA LEU B 82 -9.17 26.34 -11.87
C LEU B 82 -10.60 26.81 -12.12
N TRP B 83 -11.54 25.87 -12.24
CA TRP B 83 -12.93 26.30 -12.44
C TRP B 83 -13.44 27.11 -11.26
N GLU B 84 -13.19 26.62 -10.04
CA GLU B 84 -13.73 27.24 -8.84
C GLU B 84 -13.19 28.65 -8.59
N ILE B 85 -11.86 28.82 -8.70
CA ILE B 85 -11.20 30.10 -8.40
C ILE B 85 -11.69 31.17 -9.38
N GLN B 86 -12.07 30.74 -10.59
CA GLN B 86 -12.54 31.65 -11.63
C GLN B 86 -14.06 31.87 -11.54
N ASN B 87 -14.84 30.90 -11.11
CA ASN B 87 -16.29 31.07 -11.28
C ASN B 87 -17.01 31.33 -9.96
N ASN B 88 -16.42 30.89 -8.85
CA ASN B 88 -17.08 31.05 -7.55
C ASN B 88 -16.05 30.92 -6.42
N PRO B 89 -15.02 31.78 -6.39
CA PRO B 89 -13.91 31.60 -5.45
C PRO B 89 -14.33 31.80 -3.99
N HIS B 90 -15.53 32.37 -3.76
CA HIS B 90 -15.92 32.80 -2.41
C HIS B 90 -16.99 31.88 -1.81
N ALA B 91 -17.31 30.79 -2.53
CA ALA B 91 -18.39 29.91 -2.13
C ALA B 91 -18.00 29.08 -0.91
N SER B 92 -19.00 28.55 -0.22
CA SER B 92 -18.81 27.51 0.77
C SER B 92 -18.68 26.16 0.06
N TYR B 93 -17.56 25.45 0.34
CA TYR B 93 -17.25 24.15 -0.23
C TYR B 93 -17.24 23.11 0.89
N SER B 94 -17.94 23.44 1.98
CA SER B 94 -17.99 22.66 3.22
C SER B 94 -18.51 21.24 2.94
N ALA C 5 2.21 -28.11 24.67
CA ALA C 5 3.19 -29.00 24.00
C ALA C 5 2.76 -29.31 22.57
N PHE C 6 3.58 -30.11 21.87
CA PHE C 6 3.60 -30.13 20.41
C PHE C 6 3.73 -31.55 19.90
N LYS C 7 2.86 -31.93 18.95
CA LYS C 7 2.88 -33.25 18.34
C LYS C 7 3.20 -33.12 16.85
N PRO C 8 3.63 -34.20 16.16
CA PRO C 8 3.98 -34.11 14.74
C PRO C 8 2.87 -33.50 13.88
N GLY C 9 3.20 -32.40 13.17
CA GLY C 9 2.27 -31.80 12.23
C GLY C 9 1.79 -30.43 12.69
N ASP C 10 1.93 -30.16 13.99
CA ASP C 10 1.63 -28.89 14.63
C ASP C 10 2.42 -27.75 13.98
N LEU C 11 1.75 -26.61 13.77
CA LEU C 11 2.30 -25.51 13.01
C LEU C 11 2.85 -24.47 13.98
N VAL C 12 4.08 -23.99 13.72
CA VAL C 12 4.75 -23.13 14.69
C VAL C 12 5.52 -22.03 13.95
N PHE C 13 5.96 -21.01 14.69
CA PHE C 13 7.13 -20.26 14.29
C PHE C 13 8.30 -20.81 15.09
N ALA C 14 9.44 -20.99 14.43
CA ALA C 14 10.55 -21.62 15.12
C ALA C 14 11.77 -20.70 15.07
N LYS C 15 12.43 -20.50 16.23
CA LYS C 15 13.49 -19.53 16.34
C LYS C 15 14.80 -20.25 16.58
N MET C 16 15.72 -20.02 15.64
CA MET C 16 17.08 -20.54 15.59
C MET C 16 18.02 -19.34 15.67
N LYS C 17 19.15 -19.52 16.38
CA LYS C 17 20.09 -18.40 16.50
C LYS C 17 20.56 -18.02 15.11
N GLY C 18 20.52 -16.72 14.78
CA GLY C 18 20.99 -16.29 13.48
C GLY C 18 19.88 -16.13 12.43
N TYR C 19 18.59 -16.31 12.82
CA TYR C 19 17.47 -16.32 11.88
C TYR C 19 16.22 -15.76 12.54
N PRO C 20 15.36 -15.07 11.76
CA PRO C 20 14.09 -14.58 12.32
C PRO C 20 13.18 -15.75 12.72
N HIS C 21 12.19 -15.49 13.57
CA HIS C 21 11.16 -16.47 13.86
C HIS C 21 10.60 -16.99 12.53
N TRP C 22 10.61 -18.32 12.35
CA TRP C 22 10.46 -18.86 11.00
C TRP C 22 9.25 -19.80 10.96
N PRO C 23 8.41 -19.74 9.90
CA PRO C 23 7.26 -20.64 9.80
C PRO C 23 7.71 -22.09 9.58
N ALA C 24 7.16 -23.00 10.40
CA ALA C 24 7.66 -24.37 10.49
C ALA C 24 6.56 -25.30 10.99
N ARG C 25 6.85 -26.61 10.98
CA ARG C 25 6.02 -27.57 11.69
C ARG C 25 6.88 -28.58 12.44
N ILE C 26 6.28 -29.21 13.46
CA ILE C 26 6.78 -30.40 14.14
C ILE C 26 6.76 -31.60 13.20
N ASP C 27 7.93 -32.19 12.97
CA ASP C 27 8.02 -33.46 12.28
C ASP C 27 7.77 -34.61 13.25
N ASP C 28 7.51 -35.80 12.69
CA ASP C 28 7.66 -37.05 13.41
C ASP C 28 9.10 -37.50 13.31
N ILE C 29 9.57 -38.24 14.32
CA ILE C 29 10.89 -38.86 14.29
C ILE C 29 10.70 -40.32 13.91
N ALA C 30 11.34 -40.74 12.82
CA ALA C 30 11.11 -42.05 12.22
C ALA C 30 11.57 -43.17 13.16
N VAL C 34 15.14 -43.79 12.87
CA VAL C 34 16.05 -42.68 12.50
C VAL C 34 17.19 -42.55 13.52
N LYS C 35 17.94 -40.43 16.93
CA LYS C 35 17.07 -39.91 18.03
C LYS C 35 17.44 -38.46 18.32
N PRO C 36 16.43 -37.59 18.60
CA PRO C 36 16.71 -36.18 18.91
C PRO C 36 17.60 -36.08 20.15
N PRO C 37 18.38 -34.99 20.30
CA PRO C 37 19.00 -34.69 21.60
C PRO C 37 17.89 -34.63 22.65
N PRO C 38 18.21 -34.80 23.94
CA PRO C 38 17.19 -34.78 24.99
C PRO C 38 16.37 -33.50 24.90
N ASN C 39 15.04 -33.67 24.91
CA ASN C 39 14.08 -32.59 25.04
C ASN C 39 14.04 -31.72 23.78
N LYS C 40 14.47 -32.25 22.63
CA LYS C 40 14.42 -31.46 21.40
C LYS C 40 13.40 -32.05 20.43
N TYR C 41 12.70 -31.17 19.70
CA TYR C 41 11.72 -31.60 18.71
C TYR C 41 12.34 -31.54 17.31
N PRO C 42 11.94 -32.46 16.40
CA PRO C 42 12.36 -32.39 15.00
C PRO C 42 11.50 -31.34 14.32
N ILE C 43 12.16 -30.34 13.69
CA ILE C 43 11.49 -29.20 13.08
C ILE C 43 11.73 -29.24 11.57
N PHE C 44 10.64 -29.04 10.80
CA PHE C 44 10.76 -28.78 9.38
C PHE C 44 10.42 -27.32 9.12
N PHE C 45 11.30 -26.61 8.43
CA PHE C 45 11.11 -25.20 8.11
C PHE C 45 10.46 -25.03 6.75
N PHE C 46 9.29 -24.35 6.71
CA PHE C 46 8.67 -24.09 5.42
C PHE C 46 9.55 -23.15 4.59
N GLY C 47 9.37 -23.20 3.26
CA GLY C 47 10.11 -22.32 2.37
C GLY C 47 11.50 -22.85 2.08
N THR C 48 12.38 -22.91 3.10
CA THR C 48 13.70 -23.49 2.88
C THR C 48 13.58 -25.02 2.73
N HIS C 49 12.63 -25.63 3.46
CA HIS C 49 12.44 -27.08 3.50
C HIS C 49 13.58 -27.80 4.23
N GLU C 50 14.24 -27.12 5.18
CA GLU C 50 15.29 -27.77 5.94
C GLU C 50 14.76 -28.28 7.29
N THR C 51 15.59 -29.09 7.96
CA THR C 51 15.20 -29.68 9.23
C THR C 51 16.24 -29.27 10.30
N ALA C 52 15.81 -29.26 11.57
CA ALA C 52 16.73 -29.09 12.67
C ALA C 52 16.07 -29.63 13.93
N PHE C 53 16.84 -29.65 15.03
CA PHE C 53 16.28 -30.01 16.33
C PHE C 53 16.19 -28.75 17.17
N LEU C 54 15.02 -28.45 17.73
CA LEU C 54 14.91 -27.27 18.58
C LEU C 54 14.17 -27.63 19.86
N GLY C 55 14.47 -26.87 20.93
CA GLY C 55 13.85 -26.98 22.24
C GLY C 55 12.54 -26.22 22.29
N PRO C 56 11.59 -26.65 23.16
CA PRO C 56 10.23 -26.13 23.12
C PRO C 56 10.17 -24.62 23.36
N LYS C 57 11.24 -24.09 23.96
CA LYS C 57 11.38 -22.66 24.24
C LYS C 57 11.54 -21.84 22.96
N ASP C 58 11.95 -22.51 21.87
CA ASP C 58 12.22 -21.86 20.60
C ASP C 58 11.00 -21.92 19.69
N LEU C 59 9.86 -22.41 20.21
CA LEU C 59 8.72 -22.79 19.40
C LEU C 59 7.49 -22.02 19.87
N PHE C 60 6.66 -21.58 18.91
CA PHE C 60 5.49 -20.75 19.14
C PHE C 60 4.32 -21.25 18.29
N PRO C 61 3.16 -21.69 18.89
CA PRO C 61 2.02 -22.13 18.09
C PRO C 61 1.67 -21.07 17.05
N TYR C 62 1.40 -21.54 15.82
CA TYR C 62 1.14 -20.74 14.63
C TYR C 62 -0.01 -19.75 14.87
N ASP C 63 -1.15 -20.26 15.35
CA ASP C 63 -2.34 -19.43 15.53
C ASP C 63 -2.14 -18.38 16.62
N LYS C 64 -1.54 -18.78 17.74
CA LYS C 64 -1.32 -17.84 18.83
C LYS C 64 -0.39 -16.69 18.41
N SER C 65 0.60 -16.96 17.54
CA SER C 65 1.68 -16.00 17.37
C SER C 65 1.79 -15.43 15.96
N LYS C 66 0.92 -15.86 15.04
CA LYS C 66 1.09 -15.37 13.67
C LYS C 66 0.91 -13.85 13.56
N ASP C 67 0.02 -13.25 14.37
CA ASP C 67 -0.12 -11.79 14.33
C ASP C 67 1.23 -11.09 14.57
N LYS C 68 2.10 -11.69 15.40
CA LYS C 68 3.40 -11.15 15.71
C LYS C 68 4.50 -11.54 14.70
N TYR C 69 4.61 -12.82 14.32
CA TYR C 69 5.75 -13.24 13.50
C TYR C 69 5.35 -13.49 12.05
N GLY C 70 4.03 -13.56 11.79
CA GLY C 70 3.57 -13.87 10.45
C GLY C 70 3.50 -12.59 9.62
N LYS C 71 4.66 -12.10 9.23
CA LYS C 71 4.78 -10.91 8.41
C LYS C 71 6.01 -11.08 7.54
N PRO C 72 6.05 -10.47 6.32
CA PRO C 72 7.11 -10.76 5.37
C PRO C 72 8.49 -10.34 5.86
N ASN C 73 9.50 -10.95 5.26
CA ASN C 73 10.81 -10.36 5.36
C ASN C 73 11.61 -10.91 4.21
N LYS C 74 12.82 -10.35 4.04
CA LYS C 74 13.55 -10.40 2.78
C LYS C 74 14.38 -11.68 2.75
N ARG C 75 14.60 -12.30 3.92
CA ARG C 75 15.44 -13.47 4.07
C ARG C 75 15.00 -14.56 3.10
N LYS C 76 15.98 -15.25 2.52
CA LYS C 76 15.73 -16.20 1.44
C LYS C 76 14.80 -17.32 1.92
N GLY C 77 13.72 -17.53 1.14
CA GLY C 77 12.85 -18.68 1.37
C GLY C 77 11.70 -18.32 2.32
N PHE C 78 11.84 -17.20 3.04
CA PHE C 78 10.92 -16.84 4.10
C PHE C 78 9.49 -16.73 3.56
N ASN C 79 9.34 -15.96 2.47
CA ASN C 79 7.99 -15.53 2.10
C ASN C 79 7.25 -16.70 1.47
N GLU C 80 7.98 -17.51 0.71
CA GLU C 80 7.42 -18.78 0.27
C GLU C 80 6.97 -19.63 1.45
N GLY C 81 7.78 -19.60 2.54
CA GLY C 81 7.46 -20.32 3.78
C GLY C 81 6.15 -19.84 4.39
N LEU C 82 5.92 -18.54 4.35
CA LEU C 82 4.68 -17.95 4.84
C LEU C 82 3.50 -18.41 3.97
N TRP C 83 3.70 -18.53 2.66
CA TRP C 83 2.66 -19.06 1.77
C TRP C 83 2.28 -20.52 2.12
N GLU C 84 3.30 -21.35 2.34
CA GLU C 84 3.09 -22.77 2.63
C GLU C 84 2.35 -22.97 3.95
N ILE C 85 2.76 -22.27 5.02
CA ILE C 85 2.17 -22.53 6.33
C ILE C 85 0.67 -22.18 6.32
N GLN C 86 0.30 -21.18 5.52
CA GLN C 86 -1.07 -20.65 5.49
C GLN C 86 -1.95 -21.44 4.52
N ASN C 87 -1.35 -21.89 3.41
CA ASN C 87 -2.04 -22.37 2.24
C ASN C 87 -1.79 -23.87 2.01
N ASN C 88 -0.68 -24.43 2.49
CA ASN C 88 -0.33 -25.81 2.16
C ASN C 88 0.49 -26.45 3.29
N PRO C 89 0.01 -26.42 4.55
CA PRO C 89 0.88 -26.75 5.68
C PRO C 89 1.24 -28.22 5.88
N HIS C 90 0.63 -29.12 5.09
CA HIS C 90 0.92 -30.55 5.19
C HIS C 90 1.24 -31.24 3.86
N ALA C 91 1.66 -30.48 2.84
CA ALA C 91 2.28 -31.07 1.65
C ALA C 91 3.63 -31.71 1.99
N SER C 92 4.26 -32.38 1.01
CA SER C 92 5.36 -33.30 1.26
C SER C 92 6.75 -32.65 1.15
N TYR C 93 6.94 -31.81 0.12
CA TYR C 93 8.17 -31.06 -0.08
C TYR C 93 9.37 -32.02 -0.06
S SO4 D . 13.73 -11.21 -11.05
O1 SO4 D . 14.50 -10.01 -10.88
O2 SO4 D . 12.34 -10.85 -11.25
O3 SO4 D . 14.20 -11.93 -12.20
O4 SO4 D . 13.84 -12.03 -9.89
S SO4 E . 4.44 -13.22 -21.37
O1 SO4 E . 4.17 -11.81 -21.57
O2 SO4 E . 3.32 -13.82 -20.68
O3 SO4 E . 4.63 -13.86 -22.64
O4 SO4 E . 5.62 -13.38 -20.56
C1 EDO F . 0.37 2.14 -1.08
O1 EDO F . -0.39 2.27 0.14
C2 EDO F . -0.06 3.02 -2.22
O2 EDO F . -1.37 2.75 -2.68
C4 TE0 G . 6.02 -2.45 -14.18
C5 TE0 G . 5.35 -2.06 -12.87
C6 TE0 G . 5.02 -3.37 -12.17
C7 TE0 G . 6.05 -1.40 -15.26
N TE0 G . 6.21 -4.22 -11.96
C TE0 G . 4.01 -6.13 -12.70
O TE0 G . 5.36 -5.06 -9.82
C1 TE0 G . 5.04 -6.74 -11.78
C2 TE0 G . 7.07 -4.39 -13.15
C3 TE0 G . 7.37 -3.07 -13.85
O1 TE0 G . 7.35 -6.08 -10.85
O2 TE0 G . 5.50 -0.34 -15.17
O3 TE0 G . 6.63 -1.83 -16.33
S TE0 G . 6.06 -5.52 -10.99
S SO4 H . 9.54 -12.45 -2.44
O1 SO4 H . 8.83 -11.32 -1.93
O2 SO4 H . 10.77 -12.02 -3.08
O3 SO4 H . 9.83 -13.36 -1.36
O4 SO4 H . 8.74 -13.12 -3.44
S SO4 I . -10.33 17.33 -12.00
O1 SO4 I . -10.14 18.48 -11.17
O2 SO4 I . -9.90 17.64 -13.35
O3 SO4 I . -9.53 16.17 -11.55
O4 SO4 I . -11.75 17.02 -11.95
S SO4 J . 8.63 20.10 -6.28
O1 SO4 J . 8.42 20.13 -4.86
O2 SO4 J . 9.92 20.65 -6.57
O3 SO4 J . 8.58 18.72 -6.72
O4 SO4 J . 7.60 20.84 -6.96
C4 TE0 K . -2.56 18.55 1.37
C5 TE0 K . -2.15 17.53 0.30
C6 TE0 K . -2.11 18.17 -1.09
C7 TE0 K . -1.89 18.23 2.70
N TE0 K . -3.20 19.15 -1.22
C TE0 K . -1.85 21.06 -3.51
O TE0 K . -4.72 20.41 -2.65
C1 TE0 K . -2.43 19.65 -3.72
C2 TE0 K . -3.00 20.35 -0.38
C3 TE0 K . -2.29 19.99 0.93
O1 TE0 K . -4.35 18.01 -3.03
O2 TE0 K . -1.90 19.00 3.65
O3 TE0 K . -1.32 17.04 2.72
S TE0 K . -3.83 19.29 -2.68
S SO4 L . 18.80 -13.46 18.99
O1 SO4 L . 18.51 -12.32 19.82
O2 SO4 L . 18.01 -13.38 17.78
O3 SO4 L . 20.19 -13.46 18.63
O4 SO4 L . 18.48 -14.67 19.72
C4 TE0 M . 20.00 -25.17 8.74
C5 TE0 M . 20.36 -23.69 8.76
C6 TE0 M . 19.27 -22.91 8.02
C7 TE0 M . 21.08 -26.05 9.30
N TE0 M . 17.91 -23.22 8.51
C TE0 M . 16.70 -21.59 10.45
O TE0 M . 15.79 -23.39 7.32
C1 TE0 M . 15.88 -21.56 9.18
C2 TE0 M . 17.62 -24.65 8.67
C3 TE0 M . 18.69 -25.35 9.47
O1 TE0 M . 17.25 -21.45 6.95
O2 TE0 M . 21.08 -26.40 10.45
O3 TE0 M . 21.94 -26.41 8.40
S TE0 M . 16.68 -22.42 7.84
#